data_7QX7
#
_entry.id   7QX7
#
_cell.length_a   57.720
_cell.length_b   155.390
_cell.length_c   171.660
_cell.angle_alpha   90.000
_cell.angle_beta   90.000
_cell.angle_gamma   90.000
#
_symmetry.space_group_name_H-M   'I 2 2 2'
#
loop_
_entity.id
_entity.type
_entity.pdbx_description
1 polymer 'Pesticidal crystal protein Cry11Aa'
2 water water
#
_entity_poly.entity_id   1
_entity_poly.type   'polypeptide(L)'
_entity_poly.pdbx_seq_one_letter_code
;MEDSSLDTLSIVNETDYPLYNNYTEPTIAPALIAVAPIAQYLATAIGKWAAKAAFSKVLSLIFPGSQPATMEKVRTEVET
LINQKLSQDRVNILNAEYRGIIEVSDVFDAYIKQPGFTPATAKGYFLNLSGAIIQRLPQFEVQTYEGVSIALFTQMCTLH
LTLLKDGILAGSAWGFTQADVDSFIKLFNQKVLDYRTRLMRMYTEEFGRLCKVSLKDGLTFRNMCNLYVFPFAEAWSLMR
YEGLKLQSSLSLWDYVGVSIPVNYNEWGGLVYKLLMGEVNQRLTTVKFNYSFTNEPADIPARENIRGVHPIYDPSSGLTG
WIGNGRTNNFNFADNNGNEIMEVRTQTFYQNPNNEPIAPRDIINQILTAPAPADLFFKNADINVKFTQWFQSTLYGWNIK
LGTQTVLSSRTGTIPPNYLAYDGYYIRAISACPRGVSLAYNHDLTTLTYNRIEYDSPTTENIIVGFAPDNTKDFYSKKSH
YLSETNDSYVIPALQFAEVSDRSFLEDTPDQATDGSIKFARTFISNEAKYSIRLNTGFNTATRYKLIIRVRVPYRLPAGI
RVQSQNSGNNRMLGSFTANANPEWVDFVTDAFTFNDLGITTSSTNALFSISSDSLNSGEEWYLSQLFLVKESAFTTQINP
LLK
;
_entity_poly.pdbx_strand_id   A
#
# COMPACT_ATOMS: atom_id res chain seq x y z
N GLU A 14 -27.80 -7.81 -18.30
CA GLU A 14 -27.29 -7.75 -16.94
C GLU A 14 -27.07 -9.15 -16.37
N THR A 15 -26.52 -9.23 -15.16
CA THR A 15 -26.22 -10.49 -14.51
C THR A 15 -26.70 -10.45 -13.07
N ASP A 16 -27.42 -11.49 -12.67
CA ASP A 16 -27.90 -11.63 -11.30
C ASP A 16 -27.08 -12.63 -10.49
N TYR A 17 -25.94 -13.05 -11.01
CA TYR A 17 -25.08 -13.98 -10.30
C TYR A 17 -24.26 -13.25 -9.23
N PRO A 18 -23.87 -13.95 -8.16
CA PRO A 18 -23.05 -13.31 -7.12
C PRO A 18 -21.73 -12.83 -7.67
N LEU A 19 -21.15 -11.85 -6.99
CA LEU A 19 -19.88 -11.26 -7.36
C LEU A 19 -18.86 -11.48 -6.27
N TYR A 20 -17.58 -11.36 -6.64
CA TYR A 20 -16.47 -11.56 -5.71
C TYR A 20 -15.46 -10.44 -5.94
N ASN A 21 -15.55 -9.39 -5.11
CA ASN A 21 -14.68 -8.22 -5.23
C ASN A 21 -14.78 -7.62 -6.62
N ASN A 22 -16.01 -7.46 -7.10
CA ASN A 22 -16.38 -6.92 -8.40
C ASN A 22 -16.07 -7.84 -9.57
N TYR A 23 -15.66 -9.08 -9.30
CA TYR A 23 -15.35 -10.04 -10.35
C TYR A 23 -16.40 -11.14 -10.39
N THR A 24 -16.62 -11.69 -11.60
CA THR A 24 -17.69 -12.65 -11.80
C THR A 24 -17.39 -13.98 -11.12
N GLU A 25 -16.13 -14.36 -11.02
CA GLU A 25 -15.72 -15.59 -10.33
C GLU A 25 -14.69 -15.24 -9.25
N PRO A 26 -14.58 -16.08 -8.21
CA PRO A 26 -13.69 -15.74 -7.09
C PRO A 26 -12.24 -15.55 -7.53
N THR A 27 -11.54 -14.69 -6.81
CA THR A 27 -10.16 -14.33 -7.12
C THR A 27 -9.19 -15.19 -6.31
N ILE A 28 -7.94 -15.22 -6.79
CA ILE A 28 -6.90 -15.99 -6.13
C ILE A 28 -6.49 -15.31 -4.83
N ALA A 29 -6.21 -16.10 -3.81
CA ALA A 29 -5.74 -15.55 -2.55
C ALA A 29 -4.40 -14.86 -2.74
N PRO A 30 -4.11 -13.80 -1.97
CA PRO A 30 -2.84 -13.08 -2.16
C PRO A 30 -1.61 -13.92 -1.89
N ALA A 31 -1.73 -14.98 -1.09
CA ALA A 31 -0.61 -15.87 -0.83
C ALA A 31 -0.52 -17.03 -1.82
N LEU A 32 -1.52 -17.21 -2.68
CA LEU A 32 -1.55 -18.30 -3.65
C LEU A 32 -1.37 -17.81 -5.08
N ILE A 33 -0.96 -16.55 -5.28
CA ILE A 33 -0.69 -16.04 -6.62
C ILE A 33 0.58 -16.69 -7.14
N ALA A 34 0.87 -16.49 -8.43
CA ALA A 34 1.98 -17.19 -9.06
C ALA A 34 3.34 -16.66 -8.64
N VAL A 35 3.41 -15.47 -8.05
CA VAL A 35 4.69 -14.86 -7.68
C VAL A 35 4.95 -14.99 -6.18
N ALA A 36 4.32 -15.96 -5.51
CA ALA A 36 4.44 -16.11 -4.07
C ALA A 36 5.74 -16.79 -3.64
N PRO A 37 6.14 -17.91 -4.24
CA PRO A 37 7.40 -18.54 -3.80
C PRO A 37 8.62 -17.67 -4.08
N ILE A 38 8.60 -16.91 -5.17
CA ILE A 38 9.69 -15.98 -5.46
C ILE A 38 9.84 -14.99 -4.32
N ALA A 39 8.72 -14.39 -3.88
CA ALA A 39 8.79 -13.41 -2.80
C ALA A 39 9.18 -14.06 -1.48
N GLN A 40 8.72 -15.28 -1.23
CA GLN A 40 9.07 -15.96 0.01
C GLN A 40 10.57 -16.23 0.09
N TYR A 41 11.14 -16.77 -0.99
CA TYR A 41 12.59 -17.01 -0.99
C TYR A 41 13.35 -15.69 -1.00
N LEU A 42 12.81 -14.64 -1.62
CA LEU A 42 13.46 -13.34 -1.56
C LEU A 42 13.56 -12.84 -0.13
N ALA A 43 12.47 -12.97 0.64
CA ALA A 43 12.53 -12.59 2.04
C ALA A 43 13.53 -13.46 2.81
N THR A 44 13.52 -14.76 2.55
CA THR A 44 14.45 -15.66 3.23
C THR A 44 15.90 -15.28 2.93
N ALA A 45 16.18 -14.87 1.70
CA ALA A 45 17.54 -14.47 1.32
C ALA A 45 17.91 -13.09 1.86
N ILE A 46 16.95 -12.18 1.95
CA ILE A 46 17.19 -10.90 2.60
C ILE A 46 17.57 -11.10 4.06
N GLY A 47 16.92 -12.08 4.71
CA GLY A 47 17.28 -12.39 6.09
C GLY A 47 18.69 -12.91 6.23
N LYS A 48 19.08 -13.84 5.37
CA LYS A 48 20.42 -14.42 5.41
C LYS A 48 20.77 -14.89 4.00
N TRP A 49 21.69 -14.19 3.35
CA TRP A 49 22.00 -14.47 1.95
C TRP A 49 22.99 -15.63 1.85
N ALA A 50 22.67 -16.60 1.00
CA ALA A 50 23.55 -17.73 0.72
C ALA A 50 24.41 -17.36 -0.50
N ALA A 51 25.71 -17.21 -0.27
CA ALA A 51 26.60 -16.80 -1.34
C ALA A 51 26.70 -17.87 -2.42
N LYS A 52 26.98 -17.40 -3.64
CA LYS A 52 27.18 -18.21 -4.85
C LYS A 52 26.18 -19.36 -4.99
N ALA A 53 24.94 -19.14 -4.54
CA ALA A 53 23.93 -20.19 -4.60
C ALA A 53 22.52 -19.61 -4.70
N ALA A 54 22.37 -18.32 -4.37
CA ALA A 54 21.04 -17.71 -4.39
C ALA A 54 20.54 -17.51 -5.81
N PHE A 55 21.44 -17.23 -6.76
CA PHE A 55 21.01 -17.00 -8.13
C PHE A 55 20.43 -18.28 -8.75
N SER A 56 21.02 -19.44 -8.43
CA SER A 56 20.48 -20.69 -8.96
C SER A 56 19.07 -20.94 -8.44
N LYS A 57 18.82 -20.66 -7.16
CA LYS A 57 17.49 -20.83 -6.61
C LYS A 57 16.50 -19.85 -7.23
N VAL A 58 16.92 -18.58 -7.40
CA VAL A 58 16.04 -17.60 -8.04
C VAL A 58 15.71 -18.02 -9.46
N LEU A 59 16.68 -18.56 -10.18
CA LEU A 59 16.44 -19.03 -11.54
C LEU A 59 15.50 -20.23 -11.56
N SER A 60 15.65 -21.14 -10.59
CA SER A 60 14.75 -22.29 -10.51
C SER A 60 13.33 -21.86 -10.16
N LEU A 61 13.19 -20.76 -9.43
CA LEU A 61 11.85 -20.31 -9.04
C LEU A 61 11.19 -19.47 -10.13
N ILE A 62 11.97 -18.71 -10.90
CA ILE A 62 11.39 -17.91 -11.98
C ILE A 62 11.17 -18.76 -13.23
N PHE A 63 12.16 -19.58 -13.59
CA PHE A 63 12.07 -20.49 -14.73
C PHE A 63 12.24 -21.92 -14.22
N PRO A 64 11.16 -22.54 -13.72
CA PRO A 64 11.25 -23.92 -13.25
C PRO A 64 11.45 -24.88 -14.42
N GLY A 65 12.45 -25.76 -14.30
CA GLY A 65 12.75 -26.70 -15.36
C GLY A 65 13.11 -26.05 -16.68
N SER A 66 13.66 -24.84 -16.64
CA SER A 66 13.97 -24.07 -17.84
C SER A 66 12.73 -23.82 -18.69
N GLN A 67 11.56 -23.72 -18.05
CA GLN A 67 10.29 -23.55 -18.74
C GLN A 67 9.70 -22.19 -18.44
N PRO A 68 9.11 -21.52 -19.43
CA PRO A 68 8.49 -20.21 -19.20
C PRO A 68 7.02 -20.32 -18.82
N ALA A 69 6.63 -21.44 -18.23
CA ALA A 69 5.22 -21.66 -17.94
C ALA A 69 4.74 -20.81 -16.77
N THR A 70 5.60 -20.61 -15.77
CA THR A 70 5.22 -19.78 -14.63
C THR A 70 5.01 -18.33 -15.05
N MET A 71 5.85 -17.82 -15.96
CA MET A 71 5.66 -16.46 -16.46
C MET A 71 4.37 -16.32 -17.26
N GLU A 72 3.98 -17.36 -17.99
CA GLU A 72 2.70 -17.33 -18.69
C GLU A 72 1.54 -17.35 -17.71
N LYS A 73 1.67 -18.12 -16.62
CA LYS A 73 0.66 -18.10 -15.57
C LYS A 73 0.55 -16.70 -14.97
N VAL A 74 1.69 -16.04 -14.74
CA VAL A 74 1.70 -14.67 -14.22
C VAL A 74 0.98 -13.73 -15.18
N ARG A 75 1.29 -13.85 -16.47
CA ARG A 75 0.67 -12.99 -17.47
C ARG A 75 -0.84 -13.20 -17.49
N THR A 76 -1.29 -14.46 -17.44
CA THR A 76 -2.72 -14.75 -17.44
C THR A 76 -3.40 -14.17 -16.20
N GLU A 77 -2.77 -14.31 -15.03
CA GLU A 77 -3.37 -13.78 -13.81
C GLU A 77 -3.47 -12.27 -13.86
N VAL A 78 -2.43 -11.60 -14.35
CA VAL A 78 -2.46 -10.14 -14.44
C VAL A 78 -3.52 -9.68 -15.44
N GLU A 79 -3.60 -10.35 -16.60
CA GLU A 79 -4.64 -10.02 -17.57
C GLU A 79 -6.03 -10.21 -16.97
N THR A 80 -6.19 -11.24 -16.13
CA THR A 80 -7.48 -11.46 -15.47
C THR A 80 -7.79 -10.33 -14.50
N LEU A 81 -6.78 -9.87 -13.74
CA LEU A 81 -7.03 -8.86 -12.72
C LEU A 81 -7.34 -7.50 -13.34
N ILE A 82 -6.51 -7.04 -14.28
CA ILE A 82 -6.62 -5.67 -14.76
C ILE A 82 -7.52 -5.52 -15.99
N ASN A 83 -8.18 -6.60 -16.44
CA ASN A 83 -9.10 -6.54 -17.56
C ASN A 83 -8.43 -6.03 -18.84
N GLN A 84 -7.14 -6.33 -18.99
CA GLN A 84 -6.38 -5.98 -20.19
C GLN A 84 -5.71 -7.24 -20.71
N LYS A 85 -5.99 -7.59 -21.96
CA LYS A 85 -5.41 -8.77 -22.58
C LYS A 85 -4.35 -8.36 -23.61
N LEU A 86 -3.44 -9.28 -23.89
CA LEU A 86 -2.34 -9.04 -24.81
C LEU A 86 -2.61 -9.77 -26.13
N SER A 87 -2.16 -9.15 -27.22
CA SER A 87 -2.29 -9.77 -28.53
C SER A 87 -1.38 -10.99 -28.64
N GLN A 88 -1.70 -11.86 -29.61
CA GLN A 88 -0.96 -13.11 -29.75
C GLN A 88 0.47 -12.86 -30.20
N ASP A 89 0.69 -11.87 -31.07
CA ASP A 89 2.03 -11.56 -31.53
C ASP A 89 2.92 -11.09 -30.38
N ARG A 90 2.37 -10.27 -29.50
CA ARG A 90 3.14 -9.84 -28.33
C ARG A 90 3.49 -11.03 -27.45
N VAL A 91 2.57 -11.98 -27.30
CA VAL A 91 2.84 -13.19 -26.52
C VAL A 91 3.98 -13.97 -27.14
N ASN A 92 3.97 -14.13 -28.46
CA ASN A 92 5.03 -14.87 -29.14
C ASN A 92 6.38 -14.17 -28.97
N ILE A 93 6.38 -12.83 -29.07
CA ILE A 93 7.63 -12.08 -28.90
C ILE A 93 8.18 -12.26 -27.49
N LEU A 94 7.31 -12.14 -26.49
CA LEU A 94 7.76 -12.28 -25.11
C LEU A 94 8.26 -13.70 -24.83
N ASN A 95 7.62 -14.71 -25.41
CA ASN A 95 8.10 -16.08 -25.22
C ASN A 95 9.44 -16.31 -25.90
N ALA A 96 9.64 -15.69 -27.07
CA ALA A 96 10.94 -15.80 -27.73
C ALA A 96 12.04 -15.17 -26.87
N GLU A 97 11.76 -14.00 -26.29
CA GLU A 97 12.73 -13.39 -25.38
C GLU A 97 12.99 -14.28 -24.17
N TYR A 98 11.93 -14.89 -23.64
CA TYR A 98 12.08 -15.82 -22.51
C TYR A 98 13.03 -16.95 -22.86
N ARG A 99 12.81 -17.60 -24.01
CA ARG A 99 13.68 -18.72 -24.41
C ARG A 99 15.12 -18.24 -24.62
N GLY A 100 15.28 -17.06 -25.20
CA GLY A 100 16.62 -16.52 -25.40
C GLY A 100 17.36 -16.33 -24.09
N ILE A 101 16.67 -15.85 -23.06
CA ILE A 101 17.31 -15.72 -21.76
C ILE A 101 17.57 -17.10 -21.15
N ILE A 102 16.63 -18.02 -21.34
CA ILE A 102 16.71 -19.34 -20.72
C ILE A 102 17.94 -20.10 -21.22
N GLU A 103 18.26 -19.95 -22.51
CA GLU A 103 19.43 -20.66 -23.05
C GLU A 103 20.70 -20.28 -22.30
N VAL A 104 20.99 -18.98 -22.21
CA VAL A 104 22.22 -18.54 -21.56
C VAL A 104 22.19 -18.84 -20.07
N SER A 105 21.01 -18.71 -19.44
CA SER A 105 20.91 -19.03 -18.03
C SER A 105 21.21 -20.50 -17.77
N ASP A 106 20.72 -21.39 -18.65
CA ASP A 106 20.99 -22.81 -18.53
C ASP A 106 22.48 -23.08 -18.69
N VAL A 107 23.11 -22.46 -19.69
CA VAL A 107 24.55 -22.64 -19.90
C VAL A 107 25.32 -22.26 -18.63
N PHE A 108 25.04 -21.07 -18.10
CA PHE A 108 25.76 -20.59 -16.92
C PHE A 108 25.53 -21.49 -15.71
N ASP A 109 24.25 -21.75 -15.39
CA ASP A 109 23.93 -22.57 -14.23
C ASP A 109 24.51 -23.98 -14.34
N ALA A 110 24.56 -24.53 -15.55
CA ALA A 110 25.13 -25.86 -15.72
C ALA A 110 26.64 -25.82 -15.54
N TYR A 111 27.30 -24.77 -16.01
CA TYR A 111 28.75 -24.72 -15.85
C TYR A 111 29.16 -24.43 -14.41
N ILE A 112 28.30 -23.80 -13.61
CA ILE A 112 28.65 -23.51 -12.22
C ILE A 112 28.80 -24.81 -11.42
N LYS A 113 27.83 -25.72 -11.57
CA LYS A 113 27.72 -26.85 -10.66
C LYS A 113 28.83 -27.87 -10.80
N GLN A 114 29.66 -27.80 -11.84
CA GLN A 114 30.72 -28.78 -12.04
C GLN A 114 31.83 -28.59 -11.01
N PRO A 115 32.09 -29.56 -10.14
CA PRO A 115 33.14 -29.39 -9.12
C PRO A 115 34.54 -29.28 -9.74
N GLY A 116 35.11 -28.09 -9.71
CA GLY A 116 36.42 -27.86 -10.29
C GLY A 116 36.41 -27.19 -11.64
N PHE A 117 35.42 -26.35 -11.95
CA PHE A 117 35.33 -25.71 -13.24
C PHE A 117 36.40 -24.63 -13.38
N THR A 118 36.55 -24.13 -14.60
CA THR A 118 37.52 -23.07 -14.88
C THR A 118 36.89 -21.71 -14.58
N PRO A 119 37.46 -20.92 -13.66
CA PRO A 119 36.81 -19.66 -13.28
C PRO A 119 36.70 -18.64 -14.39
N ALA A 120 37.63 -18.61 -15.33
CA ALA A 120 37.56 -17.64 -16.42
C ALA A 120 36.39 -17.96 -17.35
N THR A 121 36.12 -19.24 -17.59
CA THR A 121 34.95 -19.63 -18.38
C THR A 121 33.67 -19.20 -17.69
N ALA A 122 33.61 -19.34 -16.36
CA ALA A 122 32.45 -18.88 -15.61
C ALA A 122 32.32 -17.36 -15.69
N LYS A 123 33.44 -16.64 -15.68
CA LYS A 123 33.39 -15.20 -15.85
C LYS A 123 32.81 -14.82 -17.22
N GLY A 124 33.26 -15.51 -18.27
CA GLY A 124 32.72 -15.26 -19.60
C GLY A 124 31.23 -15.53 -19.68
N TYR A 125 30.78 -16.65 -19.11
CA TYR A 125 29.36 -16.97 -19.13
C TYR A 125 28.54 -15.97 -18.31
N PHE A 126 29.09 -15.51 -17.18
CA PHE A 126 28.43 -14.50 -16.36
C PHE A 126 28.25 -13.21 -17.15
N LEU A 127 29.30 -12.76 -17.83
CA LEU A 127 29.20 -11.54 -18.63
C LEU A 127 28.19 -11.72 -19.75
N ASN A 128 28.18 -12.89 -20.40
CA ASN A 128 27.21 -13.16 -21.45
C ASN A 128 25.78 -13.07 -20.92
N LEU A 129 25.53 -13.67 -19.76
CA LEU A 129 24.18 -13.68 -19.20
C LEU A 129 23.73 -12.27 -18.82
N SER A 130 24.61 -11.52 -18.15
CA SER A 130 24.26 -10.14 -17.78
C SER A 130 23.96 -9.30 -19.02
N GLY A 131 24.81 -9.41 -20.05
CA GLY A 131 24.59 -8.65 -21.25
C GLY A 131 23.30 -9.04 -21.95
N ALA A 132 22.99 -10.34 -21.98
CA ALA A 132 21.74 -10.78 -22.62
C ALA A 132 20.52 -10.25 -21.88
N ILE A 133 20.55 -10.27 -20.55
CA ILE A 133 19.43 -9.75 -19.78
C ILE A 133 19.26 -8.24 -20.04
N ILE A 134 20.38 -7.50 -20.04
CA ILE A 134 20.31 -6.07 -20.30
C ILE A 134 19.76 -5.81 -21.70
N GLN A 135 20.17 -6.63 -22.67
CA GLN A 135 19.73 -6.43 -24.05
C GLN A 135 18.24 -6.71 -24.21
N ARG A 136 17.73 -7.74 -23.56
CA ARG A 136 16.35 -8.14 -23.74
C ARG A 136 15.38 -7.47 -22.78
N LEU A 137 15.87 -6.67 -21.83
CA LEU A 137 14.96 -5.95 -20.94
C LEU A 137 13.98 -5.04 -21.67
N PRO A 138 14.39 -4.16 -22.59
CA PRO A 138 13.46 -3.13 -23.09
C PRO A 138 12.22 -3.65 -23.80
N GLN A 139 12.17 -4.95 -24.14
CA GLN A 139 10.98 -5.49 -24.79
C GLN A 139 9.75 -5.41 -23.91
N PHE A 140 9.93 -5.33 -22.59
CA PHE A 140 8.82 -5.24 -21.64
C PHE A 140 8.49 -3.80 -21.26
N GLU A 141 9.12 -2.82 -21.92
CA GLU A 141 8.93 -1.41 -21.59
C GLU A 141 8.17 -0.65 -22.68
N VAL A 142 7.41 -1.35 -23.51
CA VAL A 142 6.55 -0.70 -24.49
C VAL A 142 5.33 -0.16 -23.75
N GLN A 143 5.15 1.16 -23.78
CA GLN A 143 4.12 1.78 -22.96
C GLN A 143 2.72 1.38 -23.40
N THR A 144 2.53 1.10 -24.69
CA THR A 144 1.21 0.71 -25.18
C THR A 144 0.68 -0.54 -24.48
N TYR A 145 1.56 -1.33 -23.87
CA TYR A 145 1.14 -2.50 -23.11
C TYR A 145 1.71 -2.48 -21.69
N GLU A 146 2.19 -1.31 -21.23
CA GLU A 146 2.92 -1.26 -19.96
C GLU A 146 2.09 -1.80 -18.80
N GLY A 147 0.80 -1.48 -18.78
CA GLY A 147 -0.05 -1.92 -17.68
C GLY A 147 -0.06 -3.42 -17.49
N VAL A 148 0.22 -4.17 -18.55
CA VAL A 148 0.29 -5.62 -18.43
C VAL A 148 1.71 -6.10 -18.20
N SER A 149 2.72 -5.39 -18.73
CA SER A 149 4.08 -5.89 -18.69
C SER A 149 4.85 -5.48 -17.45
N ILE A 150 4.38 -4.44 -16.74
CA ILE A 150 5.09 -3.94 -15.57
C ILE A 150 5.32 -5.04 -14.55
N ALA A 151 4.41 -6.02 -14.48
CA ALA A 151 4.65 -7.18 -13.63
C ALA A 151 5.80 -8.01 -14.17
N LEU A 152 5.68 -8.48 -15.41
CA LEU A 152 6.70 -9.34 -16.00
C LEU A 152 8.08 -8.69 -15.93
N PHE A 153 8.20 -7.47 -16.45
CA PHE A 153 9.41 -6.68 -16.33
C PHE A 153 10.03 -6.80 -14.95
N THR A 154 9.22 -6.61 -13.92
CA THR A 154 9.69 -6.71 -12.54
C THR A 154 10.53 -7.96 -12.33
N GLN A 155 9.93 -9.13 -12.59
CA GLN A 155 10.63 -10.38 -12.35
C GLN A 155 11.95 -10.44 -13.09
N MET A 156 11.98 -9.93 -14.32
CA MET A 156 13.21 -9.98 -15.09
C MET A 156 14.32 -9.18 -14.40
N CYS A 157 13.98 -7.99 -13.90
CA CYS A 157 14.96 -7.23 -13.13
C CYS A 157 15.40 -8.01 -11.90
N THR A 158 14.46 -8.72 -11.27
CA THR A 158 14.80 -9.56 -10.13
C THR A 158 15.83 -10.62 -10.52
N LEU A 159 15.74 -11.13 -11.75
CA LEU A 159 16.71 -12.13 -12.18
C LEU A 159 18.08 -11.52 -12.43
N HIS A 160 18.14 -10.21 -12.70
CA HIS A 160 19.41 -9.57 -13.00
C HIS A 160 20.09 -9.07 -11.73
N LEU A 161 19.38 -8.25 -10.94
CA LEU A 161 19.96 -7.69 -9.72
C LEU A 161 20.41 -8.79 -8.76
N THR A 162 19.73 -9.94 -8.77
CA THR A 162 20.20 -11.08 -8.00
C THR A 162 21.57 -11.53 -8.50
N LEU A 163 21.67 -11.81 -9.80
CA LEU A 163 22.89 -12.27 -10.45
C LEU A 163 24.08 -11.43 -10.01
N LEU A 164 24.08 -10.15 -10.39
CA LEU A 164 25.18 -9.24 -10.02
C LEU A 164 25.51 -9.36 -8.53
N LYS A 165 24.48 -9.39 -7.68
CA LYS A 165 24.71 -9.50 -6.24
C LYS A 165 25.60 -10.70 -5.92
N ASP A 166 25.18 -11.89 -6.37
CA ASP A 166 25.98 -13.08 -6.12
C ASP A 166 27.37 -12.92 -6.72
N GLY A 167 27.47 -12.29 -7.89
CA GLY A 167 28.77 -12.07 -8.51
C GLY A 167 29.69 -11.24 -7.64
N ILE A 168 29.14 -10.29 -6.89
CA ILE A 168 29.98 -9.47 -6.02
C ILE A 168 30.47 -10.29 -4.83
N LEU A 169 29.73 -11.34 -4.44
CA LEU A 169 30.12 -12.11 -3.27
C LEU A 169 31.16 -13.17 -3.60
N ALA A 170 31.03 -13.83 -4.75
CA ALA A 170 31.98 -14.86 -5.18
C ALA A 170 32.94 -14.24 -6.19
N GLY A 171 33.96 -13.55 -5.66
CA GLY A 171 34.92 -12.86 -6.50
C GLY A 171 35.82 -13.78 -7.30
N SER A 172 36.97 -14.13 -6.74
CA SER A 172 37.91 -15.01 -7.43
C SER A 172 37.35 -16.41 -7.65
N ALA A 173 36.26 -16.78 -6.98
CA ALA A 173 35.66 -18.08 -7.21
C ALA A 173 35.09 -18.20 -8.63
N TRP A 174 34.61 -17.08 -9.19
CA TRP A 174 34.09 -17.05 -10.55
C TRP A 174 35.02 -16.31 -11.50
N GLY A 175 36.30 -16.20 -11.15
CA GLY A 175 37.29 -15.59 -12.02
C GLY A 175 37.19 -14.08 -12.13
N PHE A 176 36.90 -13.40 -11.02
CA PHE A 176 36.76 -11.95 -11.00
C PHE A 176 37.95 -11.33 -10.28
N THR A 177 38.54 -10.31 -10.89
CA THR A 177 39.58 -9.54 -10.23
C THR A 177 38.95 -8.50 -9.32
N GLN A 178 39.79 -7.69 -8.67
CA GLN A 178 39.26 -6.66 -7.79
C GLN A 178 38.59 -5.54 -8.58
N ALA A 179 39.18 -5.17 -9.72
CA ALA A 179 38.53 -4.18 -10.59
C ALA A 179 37.20 -4.71 -11.12
N ASP A 180 37.11 -6.02 -11.37
CA ASP A 180 35.84 -6.61 -11.77
C ASP A 180 34.78 -6.41 -10.69
N VAL A 181 35.14 -6.68 -9.43
CA VAL A 181 34.19 -6.53 -8.34
C VAL A 181 33.79 -5.07 -8.17
N ASP A 182 34.74 -4.15 -8.31
CA ASP A 182 34.40 -2.73 -8.19
C ASP A 182 33.48 -2.27 -9.31
N SER A 183 33.74 -2.73 -10.55
CA SER A 183 32.87 -2.38 -11.67
C SER A 183 31.48 -2.96 -11.47
N PHE A 184 31.39 -4.18 -10.92
CA PHE A 184 30.08 -4.77 -10.66
C PHE A 184 29.34 -4.02 -9.56
N ILE A 185 30.05 -3.56 -8.53
CA ILE A 185 29.42 -2.77 -7.48
C ILE A 185 28.86 -1.47 -8.05
N LYS A 186 29.64 -0.82 -8.94
CA LYS A 186 29.16 0.40 -9.57
C LYS A 186 27.93 0.14 -10.44
N LEU A 187 27.97 -0.94 -11.23
CA LEU A 187 26.83 -1.27 -12.07
C LEU A 187 25.59 -1.58 -11.24
N PHE A 188 25.78 -2.23 -10.08
CA PHE A 188 24.66 -2.52 -9.20
C PHE A 188 24.07 -1.25 -8.62
N ASN A 189 24.93 -0.35 -8.13
CA ASN A 189 24.46 0.91 -7.57
C ASN A 189 23.77 1.79 -8.61
N GLN A 190 24.11 1.62 -9.89
CA GLN A 190 23.41 2.35 -10.95
C GLN A 190 22.07 1.70 -11.28
N LYS A 191 22.06 0.38 -11.45
CA LYS A 191 20.86 -0.31 -11.92
C LYS A 191 19.78 -0.36 -10.85
N VAL A 192 20.16 -0.44 -9.57
CA VAL A 192 19.16 -0.51 -8.51
C VAL A 192 18.35 0.79 -8.43
N LEU A 193 18.87 1.88 -9.01
CA LEU A 193 18.11 3.12 -9.14
C LEU A 193 17.40 3.21 -10.48
N ASP A 194 18.07 2.82 -11.56
CA ASP A 194 17.46 2.95 -12.89
C ASP A 194 16.22 2.07 -13.02
N TYR A 195 16.30 0.82 -12.53
CA TYR A 195 15.16 -0.08 -12.62
C TYR A 195 13.97 0.45 -11.84
N ARG A 196 14.22 0.96 -10.62
CA ARG A 196 13.14 1.55 -9.83
C ARG A 196 12.53 2.74 -10.55
N THR A 197 13.36 3.60 -11.13
CA THR A 197 12.85 4.77 -11.84
C THR A 197 11.94 4.35 -12.99
N ARG A 198 12.36 3.36 -13.77
CA ARG A 198 11.56 2.95 -14.93
C ARG A 198 10.27 2.26 -14.50
N LEU A 199 10.34 1.40 -13.48
CA LEU A 199 9.14 0.75 -12.96
C LEU A 199 8.13 1.77 -12.45
N MET A 200 8.62 2.79 -11.72
CA MET A 200 7.74 3.82 -11.22
C MET A 200 7.17 4.67 -12.37
N ARG A 201 7.97 4.90 -13.41
CA ARG A 201 7.44 5.58 -14.60
C ARG A 201 6.24 4.84 -15.15
N MET A 202 6.39 3.53 -15.39
CA MET A 202 5.29 2.76 -15.95
C MET A 202 4.08 2.78 -15.03
N TYR A 203 4.31 2.56 -13.74
CA TYR A 203 3.20 2.54 -12.78
C TYR A 203 2.45 3.87 -12.77
N THR A 204 3.17 4.98 -12.66
CA THR A 204 2.52 6.27 -12.56
C THR A 204 1.79 6.63 -13.85
N GLU A 205 2.38 6.33 -15.01
CA GLU A 205 1.70 6.57 -16.27
C GLU A 205 0.38 5.83 -16.34
N GLU A 206 0.42 4.50 -16.14
CA GLU A 206 -0.80 3.71 -16.25
C GLU A 206 -1.82 4.11 -15.19
N PHE A 207 -1.37 4.41 -13.98
CA PHE A 207 -2.27 4.75 -12.90
C PHE A 207 -2.96 6.09 -13.16
N GLY A 208 -2.20 7.10 -13.58
CA GLY A 208 -2.80 8.38 -13.92
C GLY A 208 -3.79 8.27 -15.06
N ARG A 209 -3.43 7.49 -16.10
CA ARG A 209 -4.35 7.29 -17.21
C ARG A 209 -5.65 6.65 -16.75
N LEU A 210 -5.55 5.54 -16.00
CA LEU A 210 -6.75 4.85 -15.56
C LEU A 210 -7.58 5.69 -14.60
N CYS A 211 -6.94 6.51 -13.76
CA CYS A 211 -7.69 7.36 -12.85
C CYS A 211 -8.38 8.50 -13.60
N LYS A 212 -7.74 9.03 -14.65
CA LYS A 212 -8.43 9.98 -15.51
C LYS A 212 -9.61 9.33 -16.22
N VAL A 213 -9.54 8.02 -16.47
CA VAL A 213 -10.71 7.29 -16.95
C VAL A 213 -11.72 7.18 -15.81
N SER A 214 -11.40 6.38 -14.79
CA SER A 214 -12.28 6.21 -13.65
C SER A 214 -11.47 5.78 -12.44
N LEU A 215 -11.93 6.19 -11.26
CA LEU A 215 -11.20 5.88 -10.03
C LEU A 215 -11.16 4.39 -9.75
N LYS A 216 -12.23 3.67 -10.10
CA LYS A 216 -12.29 2.24 -9.82
C LYS A 216 -11.20 1.47 -10.56
N ASP A 217 -10.95 1.84 -11.82
CA ASP A 217 -9.94 1.13 -12.61
C ASP A 217 -8.54 1.42 -12.09
N GLY A 218 -8.28 2.66 -11.67
CA GLY A 218 -7.00 2.97 -11.05
C GLY A 218 -6.80 2.20 -9.75
N LEU A 219 -7.86 2.09 -8.95
CA LEU A 219 -7.77 1.30 -7.72
C LEU A 219 -7.49 -0.17 -8.03
N THR A 220 -8.10 -0.70 -9.09
CA THR A 220 -7.84 -2.08 -9.49
C THR A 220 -6.38 -2.27 -9.90
N PHE A 221 -5.86 -1.34 -10.71
CA PHE A 221 -4.47 -1.43 -11.13
C PHE A 221 -3.53 -1.33 -9.94
N ARG A 222 -3.84 -0.45 -8.98
CA ARG A 222 -2.99 -0.34 -7.79
C ARG A 222 -3.06 -1.59 -6.93
N ASN A 223 -4.24 -2.21 -6.84
CA ASN A 223 -4.35 -3.47 -6.11
C ASN A 223 -3.51 -4.55 -6.77
N MET A 224 -3.45 -4.55 -8.11
CA MET A 224 -2.59 -5.52 -8.79
C MET A 224 -1.12 -5.24 -8.53
N CYS A 225 -0.72 -3.96 -8.57
CA CYS A 225 0.68 -3.63 -8.36
C CYS A 225 1.13 -3.86 -6.93
N ASN A 226 0.20 -3.76 -5.97
CA ASN A 226 0.55 -4.04 -4.58
C ASN A 226 0.87 -5.50 -4.34
N LEU A 227 0.43 -6.40 -5.23
CA LEU A 227 0.70 -7.81 -5.09
C LEU A 227 1.78 -8.32 -6.02
N TYR A 228 1.94 -7.72 -7.20
CA TYR A 228 2.85 -8.24 -8.21
C TYR A 228 4.07 -7.36 -8.48
N VAL A 229 4.07 -6.10 -8.03
CA VAL A 229 5.11 -5.17 -8.46
C VAL A 229 5.89 -4.61 -7.28
N PHE A 230 5.20 -3.90 -6.40
CA PHE A 230 5.81 -3.10 -5.35
C PHE A 230 6.58 -3.89 -4.29
N PRO A 231 6.10 -5.07 -3.86
CA PRO A 231 6.92 -5.85 -2.91
C PRO A 231 8.32 -6.16 -3.42
N PHE A 232 8.45 -6.51 -4.71
CA PHE A 232 9.77 -6.79 -5.25
C PHE A 232 10.59 -5.52 -5.41
N ALA A 233 9.94 -4.40 -5.73
CA ALA A 233 10.65 -3.12 -5.78
C ALA A 233 11.22 -2.76 -4.42
N GLU A 234 10.48 -3.07 -3.35
CA GLU A 234 11.01 -2.85 -2.00
C GLU A 234 12.13 -3.84 -1.68
N ALA A 235 11.97 -5.09 -2.11
CA ALA A 235 13.01 -6.09 -1.88
C ALA A 235 14.32 -5.71 -2.56
N TRP A 236 14.24 -5.03 -3.71
CA TRP A 236 15.45 -4.57 -4.38
C TRP A 236 16.26 -3.65 -3.48
N SER A 237 15.59 -2.77 -2.74
CA SER A 237 16.25 -1.78 -1.90
C SER A 237 16.79 -2.37 -0.60
N LEU A 238 16.68 -3.69 -0.40
CA LEU A 238 17.20 -4.33 0.80
C LEU A 238 18.22 -5.42 0.48
N MET A 239 18.59 -5.58 -0.79
CA MET A 239 19.54 -6.61 -1.17
C MET A 239 20.98 -6.25 -0.82
N ARG A 240 21.29 -4.96 -0.70
CA ARG A 240 22.65 -4.55 -0.32
C ARG A 240 22.95 -4.86 1.13
N TYR A 241 21.94 -5.00 1.97
CA TYR A 241 22.11 -5.36 3.37
C TYR A 241 21.88 -6.86 3.56
N GLU A 242 22.01 -7.31 4.80
CA GLU A 242 21.75 -8.70 5.15
C GLU A 242 21.27 -8.74 6.59
N GLY A 243 20.05 -9.20 6.80
CA GLY A 243 19.46 -9.29 8.13
C GLY A 243 18.19 -8.50 8.32
N LEU A 244 17.85 -7.58 7.43
CA LEU A 244 16.63 -6.82 7.55
C LEU A 244 15.42 -7.68 7.16
N LYS A 245 14.24 -7.21 7.53
CA LYS A 245 13.00 -7.93 7.29
C LYS A 245 12.30 -7.38 6.05
N LEU A 246 11.83 -8.27 5.18
CA LEU A 246 11.06 -7.91 4.00
C LEU A 246 9.59 -8.10 4.33
N GLN A 247 8.89 -6.99 4.55
CA GLN A 247 7.49 -7.04 4.94
C GLN A 247 6.71 -5.94 4.23
N SER A 248 5.57 -6.30 3.66
CA SER A 248 4.70 -5.36 2.98
C SER A 248 3.48 -5.05 3.84
N SER A 249 3.06 -3.79 3.83
CA SER A 249 1.90 -3.35 4.60
C SER A 249 0.88 -2.61 3.74
N LEU A 250 0.98 -2.74 2.42
CA LEU A 250 0.04 -2.06 1.53
C LEU A 250 -1.38 -2.62 1.71
N SER A 251 -2.36 -1.79 1.39
CA SER A 251 -3.77 -2.13 1.55
C SER A 251 -4.39 -2.42 0.19
N LEU A 252 -5.43 -3.26 0.21
CA LEU A 252 -6.21 -3.57 -0.98
C LEU A 252 -7.56 -2.86 -0.90
N TRP A 253 -7.91 -2.12 -1.94
CA TRP A 253 -9.05 -1.22 -1.90
C TRP A 253 -10.16 -1.72 -2.82
N ASP A 254 -11.33 -1.99 -2.24
CA ASP A 254 -12.53 -2.34 -3.00
C ASP A 254 -13.38 -1.10 -3.18
N TYR A 255 -13.79 -0.83 -4.42
CA TYR A 255 -14.61 0.32 -4.78
C TYR A 255 -15.95 -0.19 -5.30
N VAL A 256 -17.05 0.27 -4.69
CA VAL A 256 -18.38 -0.12 -5.12
C VAL A 256 -19.18 1.16 -5.34
N GLY A 257 -19.57 1.41 -6.58
CA GLY A 257 -20.37 2.57 -6.90
C GLY A 257 -20.14 3.01 -8.33
N VAL A 258 -20.56 4.24 -8.61
CA VAL A 258 -20.49 4.80 -9.96
C VAL A 258 -19.06 5.23 -10.26
N SER A 259 -18.81 5.61 -11.51
CA SER A 259 -17.48 6.02 -11.96
C SER A 259 -17.28 7.51 -11.73
N ILE A 260 -16.10 7.87 -11.21
CA ILE A 260 -15.75 9.25 -10.94
C ILE A 260 -14.34 9.50 -11.45
N PRO A 261 -14.14 10.45 -12.37
CA PRO A 261 -12.78 10.75 -12.82
C PRO A 261 -11.97 11.48 -11.76
N VAL A 262 -10.71 11.08 -11.59
CA VAL A 262 -9.83 11.62 -10.58
C VAL A 262 -8.48 11.93 -11.23
N ASN A 263 -8.03 13.17 -11.11
CA ASN A 263 -6.71 13.54 -11.61
C ASN A 263 -5.63 13.02 -10.68
N TYR A 264 -4.40 12.96 -11.21
CA TYR A 264 -3.29 12.51 -10.39
C TYR A 264 -2.86 13.57 -9.37
N ASN A 265 -3.06 14.84 -9.70
CA ASN A 265 -2.86 15.88 -8.69
C ASN A 265 -3.91 15.81 -7.60
N GLU A 266 -5.12 15.37 -7.95
CA GLU A 266 -6.21 15.27 -6.97
C GLU A 266 -6.10 14.01 -6.12
N TRP A 267 -5.50 12.95 -6.66
CA TRP A 267 -5.34 11.71 -5.89
C TRP A 267 -4.36 11.92 -4.74
N GLY A 268 -3.17 12.42 -5.04
CA GLY A 268 -2.17 12.63 -4.02
C GLY A 268 -2.36 13.83 -3.13
N GLY A 269 -3.37 14.65 -3.39
CA GLY A 269 -3.58 15.85 -2.60
C GLY A 269 -4.85 15.86 -1.78
N LEU A 270 -5.76 14.91 -2.05
CA LEU A 270 -7.05 14.91 -1.38
C LEU A 270 -7.65 13.51 -1.26
N VAL A 271 -7.76 12.79 -2.38
CA VAL A 271 -8.52 11.54 -2.40
C VAL A 271 -7.89 10.51 -1.48
N TYR A 272 -6.57 10.33 -1.57
CA TYR A 272 -5.91 9.34 -0.73
C TYR A 272 -5.98 9.73 0.74
N LYS A 273 -5.87 11.03 1.04
CA LYS A 273 -5.98 11.49 2.41
C LYS A 273 -7.39 11.23 2.95
N LEU A 274 -8.41 11.36 2.11
CA LEU A 274 -9.77 11.05 2.54
C LEU A 274 -9.97 9.55 2.71
N LEU A 275 -9.26 8.74 1.92
CA LEU A 275 -9.38 7.29 2.04
C LEU A 275 -8.70 6.78 3.30
N MET A 276 -7.59 7.39 3.70
CA MET A 276 -6.85 6.91 4.87
C MET A 276 -7.45 7.44 6.17
N GLY A 277 -7.75 8.73 6.22
CA GLY A 277 -8.23 9.31 7.47
C GLY A 277 -7.13 9.34 8.51
N GLU A 278 -7.47 8.97 9.74
CA GLU A 278 -6.48 8.87 10.81
C GLU A 278 -5.62 7.64 10.56
N VAL A 279 -4.39 7.87 10.07
CA VAL A 279 -3.54 6.79 9.58
C VAL A 279 -2.98 5.91 10.68
N ASN A 280 -3.19 6.27 11.95
CA ASN A 280 -2.66 5.47 13.05
C ASN A 280 -3.75 5.16 14.08
N GLN A 281 -5.00 5.06 13.63
CA GLN A 281 -6.12 4.82 14.51
C GLN A 281 -7.01 3.71 13.94
N ARG A 282 -7.67 2.99 14.84
CA ARG A 282 -8.58 1.91 14.47
C ARG A 282 -9.98 2.45 14.21
N LEU A 283 -10.64 1.89 13.21
CA LEU A 283 -12.01 2.28 12.89
C LEU A 283 -12.95 1.82 14.01
N THR A 284 -13.64 2.76 14.63
CA THR A 284 -14.56 2.46 15.73
C THR A 284 -16.03 2.59 15.35
N THR A 285 -16.37 3.47 14.42
CA THR A 285 -17.76 3.61 13.99
C THR A 285 -17.80 4.08 12.55
N VAL A 286 -18.89 3.77 11.86
CA VAL A 286 -19.10 4.26 10.50
C VAL A 286 -20.57 4.60 10.33
N LYS A 287 -20.85 5.78 9.77
CA LYS A 287 -22.21 6.26 9.57
C LYS A 287 -22.46 6.52 8.10
N PHE A 288 -23.66 6.17 7.65
CA PHE A 288 -24.08 6.36 6.26
C PHE A 288 -25.32 7.23 6.22
N ASN A 289 -25.43 8.07 5.18
CA ASN A 289 -26.59 8.91 4.96
C ASN A 289 -27.42 8.29 3.84
N TYR A 290 -28.54 7.65 4.22
CA TYR A 290 -29.36 6.90 3.28
C TYR A 290 -30.62 7.67 2.93
N SER A 291 -30.98 7.63 1.65
CA SER A 291 -32.16 8.32 1.13
C SER A 291 -32.93 7.39 0.21
N PHE A 292 -34.23 7.28 0.44
CA PHE A 292 -35.13 6.46 -0.37
C PHE A 292 -36.35 7.29 -0.73
N THR A 293 -36.84 7.13 -1.96
CA THR A 293 -37.98 7.91 -2.40
C THR A 293 -38.64 7.22 -3.58
N ASN A 294 -39.97 7.30 -3.64
CA ASN A 294 -40.74 6.79 -4.77
C ASN A 294 -41.94 7.69 -5.03
N GLU A 295 -41.77 9.00 -4.81
CA GLU A 295 -42.89 9.93 -4.93
C GLU A 295 -43.55 9.91 -6.30
N PRO A 296 -42.81 9.94 -7.42
CA PRO A 296 -43.49 9.82 -8.72
C PRO A 296 -44.02 8.40 -8.93
N ALA A 297 -45.26 8.32 -9.42
CA ALA A 297 -45.88 7.01 -9.58
C ALA A 297 -45.31 6.24 -10.76
N ASP A 298 -44.76 6.97 -11.75
CA ASP A 298 -44.20 6.31 -12.93
C ASP A 298 -42.76 5.88 -12.72
N ILE A 299 -41.93 6.74 -12.13
CA ILE A 299 -40.53 6.38 -11.89
C ILE A 299 -40.46 5.35 -10.78
N PRO A 300 -39.81 4.21 -11.01
CA PRO A 300 -39.67 3.19 -9.95
C PRO A 300 -38.88 3.74 -8.77
N ALA A 301 -38.91 2.96 -7.68
CA ALA A 301 -38.23 3.37 -6.46
C ALA A 301 -36.72 3.48 -6.69
N ARG A 302 -36.09 4.36 -5.92
CA ARG A 302 -34.67 4.63 -6.05
C ARG A 302 -34.07 4.88 -4.66
N GLU A 303 -32.76 4.65 -4.56
CA GLU A 303 -32.03 4.83 -3.31
C GLU A 303 -30.74 5.58 -3.59
N ASN A 304 -30.30 6.38 -2.62
CA ASN A 304 -29.12 7.22 -2.77
C ASN A 304 -28.25 7.13 -1.53
N ILE A 305 -26.94 7.07 -1.74
CA ILE A 305 -25.96 7.21 -0.66
C ILE A 305 -25.46 8.64 -0.71
N ARG A 306 -25.81 9.43 0.30
CA ARG A 306 -25.51 10.86 0.27
C ARG A 306 -24.19 11.20 0.95
N GLY A 307 -23.73 10.39 1.89
CA GLY A 307 -22.48 10.68 2.56
C GLY A 307 -22.06 9.55 3.48
N VAL A 308 -20.76 9.51 3.75
CA VAL A 308 -20.15 8.53 4.64
C VAL A 308 -19.32 9.27 5.67
N HIS A 309 -19.39 8.81 6.92
CA HIS A 309 -18.68 9.43 8.04
C HIS A 309 -17.96 8.34 8.82
N PRO A 310 -16.65 8.17 8.63
CA PRO A 310 -15.89 7.21 9.44
C PRO A 310 -15.30 7.84 10.68
N ILE A 311 -15.59 7.27 11.85
CA ILE A 311 -15.14 7.79 13.13
C ILE A 311 -14.11 6.83 13.71
N TYR A 312 -12.88 7.31 13.87
CA TYR A 312 -11.81 6.52 14.46
C TYR A 312 -11.68 6.85 15.95
N ASP A 313 -10.79 7.78 16.28
CA ASP A 313 -10.63 8.20 17.68
C ASP A 313 -11.86 8.99 18.11
N PRO A 314 -12.63 8.51 19.09
CA PRO A 314 -13.86 9.22 19.48
C PRO A 314 -13.60 10.55 20.14
N SER A 315 -12.41 10.77 20.70
CA SER A 315 -12.11 11.98 21.46
C SER A 315 -11.26 12.97 20.68
N SER A 316 -10.98 12.70 19.40
CA SER A 316 -10.15 13.57 18.59
C SER A 316 -10.99 14.55 17.76
N GLY A 317 -11.83 14.02 16.87
CA GLY A 317 -12.64 14.87 16.03
C GLY A 317 -11.96 15.38 14.79
N LEU A 318 -11.18 14.53 14.12
CA LEU A 318 -10.46 14.91 12.91
C LEU A 318 -11.26 14.59 11.65
N THR A 319 -11.72 13.35 11.51
CA THR A 319 -12.44 12.93 10.31
C THR A 319 -13.88 13.44 10.36
N GLY A 320 -14.33 13.96 9.23
CA GLY A 320 -15.69 14.43 9.10
C GLY A 320 -16.45 13.71 8.01
N TRP A 321 -17.59 14.25 7.60
CA TRP A 321 -18.38 13.63 6.54
C TRP A 321 -17.66 13.73 5.21
N ILE A 322 -17.74 12.65 4.43
CA ILE A 322 -17.17 12.65 3.09
C ILE A 322 -18.18 13.16 2.06
N GLY A 323 -19.48 12.97 2.33
CA GLY A 323 -20.50 13.47 1.43
C GLY A 323 -21.39 14.52 2.04
N ASN A 324 -22.57 14.13 2.48
CA ASN A 324 -23.57 15.06 3.02
C ASN A 324 -24.26 14.41 4.22
N GLY A 325 -24.12 15.04 5.39
CA GLY A 325 -24.76 14.56 6.59
C GLY A 325 -26.10 15.19 6.90
N ARG A 326 -26.61 16.05 6.01
CA ARG A 326 -27.89 16.71 6.24
C ARG A 326 -29.05 15.78 5.89
N THR A 327 -30.13 15.87 6.65
CA THR A 327 -31.32 15.07 6.42
C THR A 327 -32.56 15.88 6.09
N ASN A 328 -32.58 17.18 6.38
CA ASN A 328 -33.74 18.01 6.08
C ASN A 328 -33.26 19.44 5.86
N ASN A 329 -34.22 20.34 5.66
CA ASN A 329 -33.95 21.77 5.47
C ASN A 329 -34.60 22.61 6.56
N PHE A 330 -34.82 22.01 7.73
CA PHE A 330 -35.31 22.73 8.90
C PHE A 330 -34.18 23.26 9.78
N ASN A 331 -32.93 22.98 9.42
CA ASN A 331 -31.74 23.30 10.20
C ASN A 331 -31.73 22.63 11.57
N PHE A 332 -32.66 21.72 11.83
CA PHE A 332 -32.75 21.01 13.10
C PHE A 332 -32.07 19.65 12.97
N ALA A 333 -30.74 19.71 12.87
CA ALA A 333 -29.93 18.49 12.75
C ALA A 333 -29.47 18.02 14.13
N ASP A 334 -28.48 18.70 14.70
CA ASP A 334 -27.92 18.36 16.00
C ASP A 334 -28.28 19.48 16.98
N ASN A 335 -29.45 19.36 17.61
CA ASN A 335 -29.89 20.35 18.59
C ASN A 335 -30.93 19.70 19.49
N ASN A 336 -31.24 20.39 20.59
CA ASN A 336 -32.19 19.91 21.61
C ASN A 336 -31.75 18.58 22.20
N GLY A 337 -30.47 18.50 22.54
CA GLY A 337 -29.92 17.30 23.16
C GLY A 337 -29.72 16.16 22.19
N ASN A 338 -30.81 15.49 21.83
CA ASN A 338 -30.73 14.33 20.94
C ASN A 338 -30.61 14.77 19.48
N GLU A 339 -29.74 14.10 18.74
CA GLU A 339 -29.55 14.40 17.33
C GLU A 339 -30.61 13.69 16.49
N ILE A 340 -30.92 14.27 15.33
CA ILE A 340 -31.90 13.68 14.44
C ILE A 340 -31.34 12.41 13.83
N MET A 341 -32.22 11.44 13.59
CA MET A 341 -31.82 10.11 13.14
C MET A 341 -32.53 9.68 11.87
N GLU A 342 -33.85 9.90 11.76
CA GLU A 342 -34.61 9.45 10.62
C GLU A 342 -35.80 10.38 10.40
N VAL A 343 -36.10 10.66 9.14
CA VAL A 343 -37.27 11.44 8.75
C VAL A 343 -38.03 10.66 7.69
N ARG A 344 -39.30 10.36 7.95
CA ARG A 344 -40.14 9.59 7.04
C ARG A 344 -41.39 10.38 6.73
N THR A 345 -41.59 10.70 5.46
CA THR A 345 -42.77 11.41 4.99
C THR A 345 -43.62 10.45 4.15
N GLN A 346 -44.88 10.30 4.52
CA GLN A 346 -45.81 9.41 3.82
C GLN A 346 -46.94 10.25 3.24
N THR A 347 -47.12 10.14 1.92
CA THR A 347 -48.13 10.91 1.20
C THR A 347 -49.23 9.99 0.68
N PHE A 348 -50.47 10.41 0.84
CA PHE A 348 -51.64 9.67 0.41
C PHE A 348 -52.41 10.48 -0.62
N TYR A 349 -52.98 9.79 -1.60
CA TYR A 349 -53.77 10.39 -2.67
C TYR A 349 -55.18 9.81 -2.65
N GLN A 350 -56.03 10.33 -3.55
CA GLN A 350 -57.42 9.89 -3.64
C GLN A 350 -57.90 10.11 -5.07
N ASN A 351 -58.19 9.02 -5.78
CA ASN A 351 -58.68 9.08 -7.15
C ASN A 351 -60.15 8.67 -7.18
N PRO A 352 -61.01 9.42 -7.84
CA PRO A 352 -62.44 9.01 -7.88
C PRO A 352 -62.68 7.85 -8.83
N ASN A 353 -62.00 7.82 -9.98
CA ASN A 353 -62.21 6.76 -10.96
C ASN A 353 -61.58 5.44 -10.54
N ASN A 354 -60.61 5.46 -9.64
CA ASN A 354 -59.93 4.25 -9.18
C ASN A 354 -60.20 4.04 -7.70
N GLU A 355 -59.74 2.88 -7.20
CA GLU A 355 -59.94 2.48 -5.82
C GLU A 355 -58.61 2.19 -5.10
N PRO A 356 -57.65 1.50 -5.73
CA PRO A 356 -56.37 1.25 -5.02
C PRO A 356 -55.65 2.55 -4.67
N ILE A 357 -55.03 2.54 -3.49
CA ILE A 357 -54.29 3.68 -2.98
C ILE A 357 -52.84 3.25 -2.78
N ALA A 358 -51.92 3.99 -3.41
CA ALA A 358 -50.50 3.71 -3.30
C ALA A 358 -49.82 4.79 -2.49
N PRO A 359 -49.61 4.59 -1.18
CA PRO A 359 -48.93 5.62 -0.38
C PRO A 359 -47.47 5.75 -0.78
N ARG A 360 -47.01 6.99 -0.93
CA ARG A 360 -45.64 7.27 -1.33
C ARG A 360 -44.79 7.55 -0.09
N ASP A 361 -43.61 6.94 -0.05
CA ASP A 361 -42.71 7.07 1.09
C ASP A 361 -41.46 7.85 0.68
N ILE A 362 -40.99 8.71 1.58
CA ILE A 362 -39.74 9.44 1.42
C ILE A 362 -38.99 9.34 2.73
N ILE A 363 -37.89 8.59 2.74
CA ILE A 363 -37.14 8.31 3.95
C ILE A 363 -35.74 8.90 3.81
N ASN A 364 -35.28 9.58 4.86
CA ASN A 364 -33.90 10.08 4.94
C ASN A 364 -33.40 9.75 6.34
N GLN A 365 -32.43 8.84 6.43
CA GLN A 365 -31.97 8.40 7.75
C GLN A 365 -30.46 8.30 7.78
N ILE A 366 -29.94 8.12 8.99
CA ILE A 366 -28.51 7.97 9.25
C ILE A 366 -28.31 6.58 9.84
N LEU A 367 -27.75 5.68 9.03
CA LEU A 367 -27.42 4.35 9.50
C LEU A 367 -26.10 4.37 10.26
N THR A 368 -26.06 3.68 11.39
CA THR A 368 -24.89 3.65 12.25
C THR A 368 -24.40 2.20 12.40
N ALA A 369 -23.09 2.00 12.29
CA ALA A 369 -22.51 0.68 12.47
C ALA A 369 -21.23 0.81 13.31
N PRO A 370 -21.25 0.35 14.55
CA PRO A 370 -20.03 0.34 15.36
C PRO A 370 -19.19 -0.89 15.07
N ALA A 371 -17.93 -0.83 15.50
CA ALA A 371 -17.02 -1.93 15.30
C ALA A 371 -17.47 -3.16 16.08
N PRO A 372 -17.14 -4.37 15.62
CA PRO A 372 -17.58 -5.58 16.33
C PRO A 372 -16.92 -5.74 17.69
N ALA A 373 -17.20 -6.86 18.36
CA ALA A 373 -16.55 -7.13 19.65
C ALA A 373 -15.05 -7.37 19.48
N ASP A 374 -14.64 -7.95 18.35
CA ASP A 374 -13.23 -8.14 18.05
C ASP A 374 -12.63 -6.96 17.28
N LEU A 375 -13.11 -5.74 17.54
CA LEU A 375 -12.49 -4.50 17.10
C LEU A 375 -12.55 -4.28 15.59
N PHE A 376 -12.49 -5.33 14.78
CA PHE A 376 -12.35 -5.19 13.34
C PHE A 376 -13.40 -6.02 12.62
N PHE A 377 -13.85 -5.50 11.48
CA PHE A 377 -14.62 -6.29 10.53
C PHE A 377 -13.66 -7.11 9.67
N LYS A 378 -14.03 -8.36 9.39
CA LYS A 378 -13.21 -9.23 8.57
C LYS A 378 -13.64 -9.25 7.10
N ASN A 379 -14.90 -8.95 6.80
CA ASN A 379 -15.39 -8.98 5.43
C ASN A 379 -16.62 -8.08 5.35
N ALA A 380 -17.16 -7.94 4.13
CA ALA A 380 -18.33 -7.11 3.91
C ALA A 380 -19.08 -7.65 2.70
N ASP A 381 -20.35 -7.24 2.58
CA ASP A 381 -21.22 -7.60 1.46
C ASP A 381 -21.92 -6.34 1.01
N ILE A 382 -21.22 -5.51 0.24
CA ILE A 382 -21.74 -4.25 -0.28
C ILE A 382 -21.91 -4.39 -1.78
N ASN A 383 -23.06 -3.97 -2.30
CA ASN A 383 -23.32 -4.07 -3.73
C ASN A 383 -24.28 -2.96 -4.14
N VAL A 384 -24.25 -2.64 -5.44
CA VAL A 384 -25.10 -1.61 -6.01
C VAL A 384 -25.70 -2.14 -7.31
N LYS A 385 -26.98 -1.82 -7.52
CA LYS A 385 -27.73 -2.25 -8.69
C LYS A 385 -28.14 -1.02 -9.49
N PHE A 386 -27.93 -1.06 -10.80
CA PHE A 386 -28.29 0.02 -11.69
C PHE A 386 -29.59 -0.28 -12.42
N THR A 387 -30.25 0.79 -12.85
CA THR A 387 -31.47 0.67 -13.64
C THR A 387 -31.56 1.87 -14.57
N GLN A 388 -32.13 1.67 -15.76
CA GLN A 388 -32.34 2.73 -16.72
C GLN A 388 -33.82 3.07 -16.82
N TRP A 389 -34.12 4.34 -17.05
CA TRP A 389 -35.50 4.80 -17.14
C TRP A 389 -35.50 6.16 -17.85
N PHE A 390 -35.75 6.15 -19.16
CA PHE A 390 -35.84 7.36 -19.98
C PHE A 390 -34.55 8.19 -19.89
N GLN A 391 -33.42 7.52 -20.15
CA GLN A 391 -32.10 8.15 -20.15
C GLN A 391 -31.77 8.75 -18.78
N SER A 392 -32.12 8.02 -17.72
CA SER A 392 -31.81 8.42 -16.36
C SER A 392 -31.54 7.18 -15.53
N THR A 393 -30.42 7.18 -14.80
CA THR A 393 -29.97 6.00 -14.07
C THR A 393 -30.47 6.06 -12.63
N LEU A 394 -31.19 5.01 -12.22
CA LEU A 394 -31.62 4.82 -10.85
C LEU A 394 -30.72 3.79 -10.18
N TYR A 395 -30.57 3.94 -8.86
CA TYR A 395 -29.65 3.11 -8.10
C TYR A 395 -30.37 2.39 -6.96
N GLY A 396 -29.81 1.25 -6.57
CA GLY A 396 -30.22 0.54 -5.37
C GLY A 396 -29.01 0.02 -4.64
N TRP A 397 -29.02 0.05 -3.30
CA TRP A 397 -27.83 -0.27 -2.52
C TRP A 397 -28.11 -1.41 -1.54
N ASN A 398 -27.05 -2.18 -1.25
CA ASN A 398 -27.10 -3.24 -0.26
C ASN A 398 -25.81 -3.16 0.55
N ILE A 399 -25.93 -2.96 1.86
CA ILE A 399 -24.78 -2.74 2.72
C ILE A 399 -24.83 -3.72 3.88
N LYS A 400 -23.73 -4.44 4.10
CA LYS A 400 -23.62 -5.35 5.24
C LYS A 400 -22.16 -5.44 5.64
N LEU A 401 -21.86 -5.13 6.89
CA LEU A 401 -20.51 -5.15 7.43
C LEU A 401 -20.42 -6.28 8.45
N GLY A 402 -19.63 -7.31 8.13
CA GLY A 402 -19.54 -8.44 9.03
C GLY A 402 -20.84 -9.20 9.05
N THR A 403 -21.37 -9.43 10.25
CA THR A 403 -22.63 -10.12 10.44
C THR A 403 -23.80 -9.16 10.65
N GLN A 404 -23.56 -7.86 10.66
CA GLN A 404 -24.59 -6.86 10.90
C GLN A 404 -25.13 -6.36 9.57
N THR A 405 -26.39 -6.67 9.30
CA THR A 405 -27.06 -6.17 8.10
C THR A 405 -27.37 -4.69 8.28
N VAL A 406 -26.66 -3.83 7.56
CA VAL A 406 -26.82 -2.39 7.73
C VAL A 406 -27.93 -1.84 6.84
N LEU A 407 -28.10 -2.39 5.65
CA LEU A 407 -29.08 -1.85 4.70
C LEU A 407 -29.47 -2.93 3.70
N SER A 408 -30.73 -3.34 3.75
CA SER A 408 -31.32 -4.22 2.74
C SER A 408 -32.10 -3.37 1.75
N SER A 409 -31.97 -3.69 0.46
CA SER A 409 -32.53 -2.84 -0.59
C SER A 409 -34.05 -2.92 -0.61
N ARG A 410 -34.70 -1.76 -0.59
CA ARG A 410 -36.15 -1.70 -0.74
C ARG A 410 -36.60 -1.77 -2.19
N THR A 411 -35.68 -1.63 -3.15
CA THR A 411 -36.00 -1.62 -4.57
C THR A 411 -35.91 -3.01 -5.19
N GLY A 412 -36.00 -4.06 -4.39
CA GLY A 412 -35.89 -5.43 -4.88
C GLY A 412 -34.59 -6.07 -4.43
N THR A 413 -34.52 -7.38 -4.65
CA THR A 413 -33.35 -8.15 -4.25
C THR A 413 -32.14 -7.77 -5.10
N ILE A 414 -30.98 -7.71 -4.47
CA ILE A 414 -29.73 -7.35 -5.13
C ILE A 414 -28.74 -8.48 -4.89
N PRO A 415 -28.05 -8.97 -5.92
CA PRO A 415 -27.13 -10.09 -5.71
C PRO A 415 -26.00 -9.70 -4.79
N PRO A 416 -25.49 -10.64 -4.00
CA PRO A 416 -24.41 -10.32 -3.06
C PRO A 416 -23.09 -10.09 -3.78
N ASN A 417 -22.24 -9.29 -3.16
CA ASN A 417 -20.90 -8.98 -3.66
C ASN A 417 -19.94 -9.15 -2.49
N TYR A 418 -19.33 -10.34 -2.38
CA TYR A 418 -18.49 -10.66 -1.23
C TYR A 418 -17.17 -9.92 -1.33
N LEU A 419 -16.88 -9.08 -0.34
CA LEU A 419 -15.62 -8.35 -0.24
C LEU A 419 -14.81 -9.00 0.88
N ALA A 420 -13.82 -9.79 0.50
CA ALA A 420 -13.01 -10.50 1.49
C ALA A 420 -11.67 -10.89 0.86
N TYR A 421 -10.64 -10.91 1.68
CA TYR A 421 -9.32 -11.37 1.27
C TYR A 421 -8.73 -12.20 2.40
N ASP A 422 -8.42 -13.45 2.12
CA ASP A 422 -7.85 -14.34 3.13
C ASP A 422 -6.51 -13.80 3.60
N GLY A 423 -6.43 -13.48 4.89
CA GLY A 423 -5.25 -12.85 5.45
C GLY A 423 -5.32 -11.35 5.57
N TYR A 424 -6.50 -10.76 5.39
CA TYR A 424 -6.70 -9.31 5.47
C TYR A 424 -7.94 -9.02 6.30
N TYR A 425 -8.01 -7.78 6.80
CA TYR A 425 -9.14 -7.34 7.61
C TYR A 425 -9.50 -5.91 7.23
N ILE A 426 -10.77 -5.56 7.46
CA ILE A 426 -11.26 -4.23 7.12
C ILE A 426 -10.72 -3.23 8.11
N ARG A 427 -9.97 -2.24 7.62
CA ARG A 427 -9.37 -1.21 8.45
C ARG A 427 -10.00 0.16 8.28
N ALA A 428 -10.45 0.50 7.06
CA ALA A 428 -11.01 1.82 6.81
C ALA A 428 -12.17 1.70 5.83
N ILE A 429 -13.15 2.59 6.00
CA ILE A 429 -14.32 2.67 5.12
C ILE A 429 -14.55 4.14 4.82
N SER A 430 -14.46 4.52 3.55
CA SER A 430 -14.57 5.92 3.14
C SER A 430 -15.37 5.99 1.84
N ALA A 431 -15.31 7.15 1.19
CA ALA A 431 -16.01 7.37 -0.06
C ALA A 431 -15.30 8.46 -0.85
N CYS A 432 -15.82 8.74 -2.04
CA CYS A 432 -15.26 9.76 -2.92
C CYS A 432 -16.34 10.77 -3.28
N PRO A 433 -16.06 12.07 -3.18
CA PRO A 433 -17.08 13.07 -3.50
C PRO A 433 -17.42 13.06 -4.99
N ARG A 434 -18.71 13.14 -5.29
CA ARG A 434 -19.21 13.09 -6.66
C ARG A 434 -19.90 14.40 -7.01
N GLY A 435 -19.55 14.94 -8.18
CA GLY A 435 -20.19 16.14 -8.68
C GLY A 435 -19.60 17.45 -8.22
N VAL A 436 -18.45 17.43 -7.55
CA VAL A 436 -17.81 18.64 -7.03
C VAL A 436 -16.35 18.64 -7.46
N SER A 437 -15.78 19.84 -7.51
CA SER A 437 -14.37 19.98 -7.85
C SER A 437 -13.50 19.46 -6.71
N LEU A 438 -12.42 18.75 -7.08
CA LEU A 438 -11.50 18.16 -6.12
C LEU A 438 -10.16 18.90 -6.10
N ALA A 439 -10.18 20.20 -6.36
CA ALA A 439 -8.96 20.98 -6.51
C ALA A 439 -8.73 21.97 -5.37
N TYR A 440 -9.42 21.79 -4.24
CA TYR A 440 -9.36 22.73 -3.13
C TYR A 440 -8.92 22.03 -1.85
N ASN A 441 -8.38 22.84 -0.93
CA ASN A 441 -7.95 22.38 0.39
C ASN A 441 -6.84 21.33 0.31
N HIS A 442 -5.98 21.44 -0.71
CA HIS A 442 -4.84 20.52 -0.81
C HIS A 442 -3.80 20.82 0.26
N ASP A 443 -3.37 22.07 0.35
CA ASP A 443 -2.34 22.46 1.32
C ASP A 443 -2.87 22.48 2.75
N LEU A 444 -4.17 22.33 2.95
CA LEU A 444 -4.75 22.30 4.29
C LEU A 444 -4.96 20.89 4.82
N THR A 445 -5.22 19.91 3.95
CA THR A 445 -5.49 18.56 4.40
C THR A 445 -4.22 17.89 4.91
N THR A 446 -3.90 18.08 6.19
CA THR A 446 -2.71 17.52 6.80
C THR A 446 -3.09 16.31 7.65
N LEU A 447 -2.08 15.73 8.31
CA LEU A 447 -2.30 14.54 9.12
C LEU A 447 -3.04 14.84 10.42
N THR A 448 -2.98 16.08 10.91
CA THR A 448 -3.57 16.42 12.20
C THR A 448 -4.18 17.81 12.13
N TYR A 449 -4.82 18.21 13.23
CA TYR A 449 -5.38 19.55 13.44
C TYR A 449 -6.50 19.88 12.45
N ASN A 450 -6.15 20.03 11.17
CA ASN A 450 -7.15 20.44 10.19
C ASN A 450 -8.19 19.34 9.98
N ARG A 451 -9.42 19.77 9.70
CA ARG A 451 -10.54 18.84 9.58
C ARG A 451 -10.45 18.05 8.28
N ILE A 452 -10.52 16.71 8.39
CA ILE A 452 -10.44 15.82 7.24
C ILE A 452 -11.87 15.61 6.76
N GLU A 453 -12.32 16.46 5.84
CA GLU A 453 -13.68 16.42 5.35
C GLU A 453 -13.75 17.08 3.99
N TYR A 454 -14.84 16.83 3.28
CA TYR A 454 -15.10 17.48 2.00
C TYR A 454 -16.59 17.45 1.73
N ASP A 455 -17.16 18.59 1.40
CA ASP A 455 -18.60 18.72 1.22
C ASP A 455 -18.98 18.38 -0.22
N SER A 456 -20.01 17.56 -0.37
CA SER A 456 -20.53 17.17 -1.68
C SER A 456 -21.97 16.71 -1.49
N PRO A 457 -22.87 17.00 -2.42
CA PRO A 457 -24.28 16.60 -2.22
C PRO A 457 -24.46 15.09 -2.11
N THR A 458 -23.77 14.31 -2.94
CA THR A 458 -23.83 12.87 -2.88
C THR A 458 -22.45 12.28 -3.14
N THR A 459 -22.29 11.01 -2.79
CA THR A 459 -21.10 10.23 -3.12
C THR A 459 -21.41 9.10 -4.09
N GLU A 460 -22.44 8.30 -3.79
CA GLU A 460 -22.82 7.15 -4.61
C GLU A 460 -21.66 6.17 -4.78
N ASN A 461 -20.81 6.07 -3.77
CA ASN A 461 -19.68 5.15 -3.81
C ASN A 461 -19.24 4.85 -2.38
N ILE A 462 -18.72 3.63 -2.20
CA ILE A 462 -18.17 3.19 -0.92
C ILE A 462 -16.85 2.49 -1.20
N ILE A 463 -15.82 2.83 -0.44
CA ILE A 463 -14.47 2.31 -0.62
C ILE A 463 -14.04 1.65 0.68
N VAL A 464 -13.67 0.38 0.59
CA VAL A 464 -13.26 -0.41 1.75
C VAL A 464 -11.79 -0.77 1.60
N GLY A 465 -11.01 -0.53 2.65
CA GLY A 465 -9.59 -0.84 2.66
C GLY A 465 -9.32 -2.06 3.53
N PHE A 466 -8.58 -3.01 2.97
CA PHE A 466 -8.15 -4.21 3.67
C PHE A 466 -6.65 -4.10 3.95
N ALA A 467 -6.26 -4.39 5.18
CA ALA A 467 -4.88 -4.36 5.59
C ALA A 467 -4.40 -5.75 5.96
N PRO A 468 -3.13 -6.08 5.67
CA PRO A 468 -2.62 -7.42 6.01
C PRO A 468 -2.60 -7.64 7.52
N ASP A 469 -2.62 -8.92 7.90
CA ASP A 469 -2.72 -9.28 9.31
C ASP A 469 -1.47 -8.96 10.11
N ASN A 470 -0.35 -8.63 9.45
CA ASN A 470 0.86 -8.27 10.18
C ASN A 470 0.76 -6.90 10.85
N THR A 471 -0.27 -6.12 10.52
CA THR A 471 -0.51 -4.84 11.17
C THR A 471 -1.64 -4.89 12.19
N LYS A 472 -2.21 -6.08 12.43
CA LYS A 472 -3.36 -6.19 13.31
C LYS A 472 -3.00 -5.89 14.76
N ASP A 473 -1.74 -6.15 15.15
CA ASP A 473 -1.35 -5.91 16.53
C ASP A 473 -1.21 -4.42 16.84
N PHE A 474 -0.78 -3.62 15.88
CA PHE A 474 -0.60 -2.19 16.14
C PHE A 474 -1.94 -1.50 16.38
N TYR A 475 -2.90 -1.73 15.49
CA TYR A 475 -4.21 -1.09 15.62
C TYR A 475 -5.03 -1.64 16.78
N SER A 476 -4.48 -2.57 17.56
CA SER A 476 -5.14 -3.10 18.76
C SER A 476 -4.47 -2.68 20.04
N LYS A 477 -3.13 -2.63 20.07
CA LYS A 477 -2.39 -2.28 21.26
C LYS A 477 -1.77 -0.89 21.21
N LYS A 478 -1.81 -0.22 20.06
CA LYS A 478 -1.31 1.15 19.87
C LYS A 478 0.19 1.26 20.14
N SER A 479 0.90 0.14 20.15
CA SER A 479 2.34 0.16 20.41
C SER A 479 2.98 -1.03 19.69
N HIS A 480 4.29 -0.89 19.45
CA HIS A 480 5.06 -1.93 18.77
C HIS A 480 5.71 -2.81 19.84
N TYR A 481 5.29 -4.07 19.91
CA TYR A 481 5.82 -5.02 20.88
C TYR A 481 6.98 -5.79 20.29
N LEU A 482 8.03 -5.96 21.07
CA LEU A 482 9.26 -6.62 20.65
C LEU A 482 9.39 -7.97 21.33
N SER A 483 9.73 -8.99 20.54
CA SER A 483 9.95 -10.34 21.05
C SER A 483 11.43 -10.70 20.95
N GLU A 484 11.85 -11.60 21.84
CA GLU A 484 13.24 -12.05 21.83
C GLU A 484 13.52 -12.97 20.66
N THR A 485 12.52 -13.76 20.24
CA THR A 485 12.75 -14.77 19.21
C THR A 485 13.06 -14.14 17.86
N ASN A 486 12.40 -13.03 17.52
CA ASN A 486 12.60 -12.42 16.22
C ASN A 486 13.94 -11.69 16.15
N ASP A 487 14.43 -11.51 14.93
CA ASP A 487 15.71 -10.87 14.67
C ASP A 487 15.57 -9.47 14.09
N SER A 488 14.64 -9.25 13.17
CA SER A 488 14.49 -7.99 12.48
C SER A 488 13.06 -7.47 12.68
N TYR A 489 12.94 -6.15 12.82
CA TYR A 489 11.65 -5.49 12.96
C TYR A 489 11.59 -4.30 12.02
N VAL A 490 10.46 -4.15 11.32
CA VAL A 490 10.22 -3.02 10.44
C VAL A 490 9.04 -2.24 10.97
N ILE A 491 9.19 -0.93 11.08
CA ILE A 491 8.15 -0.05 11.60
C ILE A 491 7.80 0.96 10.49
N PRO A 492 6.58 0.96 9.97
CA PRO A 492 6.19 1.99 9.00
C PRO A 492 6.05 3.34 9.66
N ALA A 493 6.24 4.39 8.86
CA ALA A 493 6.21 5.74 9.40
C ALA A 493 4.82 6.10 9.92
N LEU A 494 3.77 5.62 9.24
CA LEU A 494 2.41 5.99 9.61
C LEU A 494 1.94 5.35 10.91
N GLN A 495 2.67 4.37 11.43
CA GLN A 495 2.30 3.73 12.69
C GLN A 495 3.04 4.37 13.86
N PHE A 496 2.72 5.64 14.08
CA PHE A 496 3.36 6.48 15.09
C PHE A 496 2.42 6.70 16.26
N ALA A 497 2.98 7.24 17.35
CA ALA A 497 2.21 7.62 18.52
C ALA A 497 1.68 9.04 18.41
N GLU A 498 2.54 9.98 18.02
CA GLU A 498 2.12 11.35 17.76
C GLU A 498 3.05 11.94 16.70
N VAL A 499 2.55 12.96 16.00
CA VAL A 499 3.29 13.60 14.92
C VAL A 499 3.16 15.11 15.07
N SER A 500 4.11 15.83 14.48
CA SER A 500 4.13 17.28 14.52
C SER A 500 3.07 17.86 13.58
N ASP A 501 2.94 19.18 13.60
CA ASP A 501 1.98 19.85 12.74
C ASP A 501 2.56 20.07 11.34
N ARG A 502 1.66 20.42 10.42
CA ARG A 502 2.03 20.67 9.02
C ARG A 502 2.76 19.49 8.41
N SER A 503 2.28 18.29 8.70
CA SER A 503 2.80 17.05 8.14
C SER A 503 1.76 16.43 7.21
N PHE A 504 2.23 15.94 6.07
CA PHE A 504 1.36 15.40 5.03
C PHE A 504 1.59 13.91 4.84
N LEU A 505 0.56 13.24 4.33
CA LEU A 505 0.65 11.86 3.90
C LEU A 505 1.03 11.81 2.43
N GLU A 506 2.18 11.22 2.11
CA GLU A 506 2.66 11.10 0.75
C GLU A 506 2.56 9.64 0.31
N ASP A 507 1.97 9.41 -0.86
CA ASP A 507 1.82 8.06 -1.39
C ASP A 507 3.16 7.61 -1.95
N THR A 508 3.83 6.70 -1.25
CA THR A 508 5.08 6.10 -1.71
C THR A 508 4.89 4.58 -1.72
N PRO A 509 4.14 4.05 -2.69
CA PRO A 509 3.83 2.62 -2.68
C PRO A 509 5.03 1.74 -2.94
N ASP A 510 6.10 2.26 -3.53
CA ASP A 510 7.30 1.48 -3.78
C ASP A 510 8.00 1.07 -2.49
N GLN A 511 7.65 1.67 -1.36
CA GLN A 511 8.24 1.31 -0.08
C GLN A 511 7.56 0.12 0.58
N ALA A 512 6.60 -0.51 -0.09
CA ALA A 512 5.78 -1.59 0.44
C ALA A 512 5.01 -1.17 1.69
N THR A 513 4.79 0.13 1.86
CA THR A 513 4.00 0.66 2.95
C THR A 513 2.87 1.52 2.39
N ASP A 514 1.87 1.76 3.21
CA ASP A 514 0.75 2.61 2.78
C ASP A 514 1.13 4.07 2.62
N GLY A 515 2.39 4.47 2.71
CA GLY A 515 2.77 5.83 2.47
C GLY A 515 3.94 6.23 3.37
N SER A 516 4.27 7.52 3.28
CA SER A 516 5.38 8.11 4.03
C SER A 516 4.92 9.46 4.57
N ILE A 517 5.72 10.01 5.47
CA ILE A 517 5.41 11.29 6.12
C ILE A 517 6.24 12.39 5.48
N LYS A 518 5.57 13.44 5.00
CA LYS A 518 6.24 14.61 4.45
C LYS A 518 6.19 15.72 5.50
N PHE A 519 7.35 16.09 6.03
CA PHE A 519 7.46 17.19 6.98
C PHE A 519 7.72 18.49 6.22
N ALA A 520 6.89 19.50 6.51
CA ALA A 520 7.01 20.81 5.88
C ALA A 520 6.57 21.91 6.83
N ARG A 521 6.89 21.75 8.12
CA ARG A 521 6.55 22.74 9.13
C ARG A 521 7.70 23.74 9.28
N THR A 522 7.40 25.03 9.16
CA THR A 522 8.40 26.08 9.17
C THR A 522 8.51 26.76 10.53
N PHE A 523 8.18 26.05 11.61
CA PHE A 523 8.25 26.63 12.95
C PHE A 523 8.40 25.51 13.96
N ILE A 524 8.94 25.87 15.13
CA ILE A 524 9.20 24.94 16.23
C ILE A 524 10.16 23.84 15.76
N SER A 525 9.61 22.73 15.28
CA SER A 525 10.40 21.58 14.88
C SER A 525 9.50 20.60 14.14
N ASN A 526 10.13 19.59 13.53
CA ASN A 526 9.42 18.50 12.87
C ASN A 526 9.82 17.21 13.57
N GLU A 527 8.87 16.58 14.27
CA GLU A 527 9.15 15.45 15.13
C GLU A 527 8.13 14.35 14.90
N ALA A 528 8.59 13.10 15.04
CA ALA A 528 7.72 11.94 14.95
C ALA A 528 8.16 10.91 15.98
N LYS A 529 7.22 10.45 16.81
CA LYS A 529 7.51 9.53 17.89
C LYS A 529 6.80 8.20 17.68
N TYR A 530 7.44 7.13 18.14
CA TYR A 530 6.92 5.77 18.03
C TYR A 530 7.03 5.07 19.37
N SER A 531 5.97 4.36 19.75
CA SER A 531 5.89 3.72 21.05
C SER A 531 6.40 2.28 20.97
N ILE A 532 7.29 1.92 21.88
CA ILE A 532 7.91 0.61 21.92
C ILE A 532 7.61 -0.06 23.25
N ARG A 533 7.29 -1.35 23.22
CA ARG A 533 7.05 -2.14 24.42
C ARG A 533 7.80 -3.46 24.28
N LEU A 534 8.20 -4.03 25.42
CA LEU A 534 9.00 -5.24 25.46
C LEU A 534 8.19 -6.38 26.07
N ASN A 535 8.23 -7.54 25.42
CA ASN A 535 7.58 -8.73 25.95
C ASN A 535 8.46 -9.39 27.01
N THR A 536 7.82 -10.20 27.84
CA THR A 536 8.54 -10.94 28.87
C THR A 536 9.47 -11.95 28.22
N GLY A 537 10.67 -12.09 28.78
CA GLY A 537 11.69 -12.93 28.19
C GLY A 537 12.57 -12.24 27.19
N PHE A 538 12.53 -10.91 27.11
CA PHE A 538 13.35 -10.15 26.18
C PHE A 538 14.70 -9.84 26.82
N ASN A 539 15.78 -10.11 26.09
CA ASN A 539 17.12 -9.85 26.59
C ASN A 539 17.47 -8.38 26.37
N THR A 540 17.77 -7.67 27.45
CA THR A 540 18.12 -6.25 27.38
C THR A 540 19.61 -6.01 27.18
N ALA A 541 20.44 -7.05 27.27
CA ALA A 541 21.87 -6.92 27.06
C ALA A 541 22.30 -7.13 25.61
N THR A 542 21.36 -7.49 24.73
CA THR A 542 21.69 -7.71 23.33
C THR A 542 21.87 -6.38 22.61
N ARG A 543 22.91 -6.30 21.79
CA ARG A 543 23.20 -5.09 21.05
C ARG A 543 22.31 -4.99 19.81
N TYR A 544 21.82 -3.78 19.54
CA TYR A 544 20.92 -3.52 18.43
C TYR A 544 21.41 -2.32 17.63
N LYS A 545 20.74 -2.09 16.50
CA LYS A 545 21.02 -0.93 15.66
C LYS A 545 19.72 -0.47 15.01
N LEU A 546 19.69 0.81 14.65
CA LEU A 546 18.54 1.41 13.98
C LEU A 546 18.93 1.91 12.60
N ILE A 547 18.04 1.69 11.63
CA ILE A 547 18.21 2.18 10.27
C ILE A 547 17.00 3.03 9.92
N ILE A 548 17.25 4.26 9.46
CA ILE A 548 16.21 5.21 9.15
C ILE A 548 16.24 5.48 7.64
N ARG A 549 15.08 5.38 7.01
CA ARG A 549 14.95 5.62 5.57
C ARG A 549 14.32 6.98 5.36
N VAL A 550 15.07 7.91 4.76
CA VAL A 550 14.63 9.28 4.59
C VAL A 550 15.03 9.77 3.20
N ARG A 551 14.26 10.72 2.69
CA ARG A 551 14.56 11.41 1.43
C ARG A 551 14.63 12.90 1.72
N VAL A 552 15.78 13.50 1.45
CA VAL A 552 16.06 14.88 1.82
C VAL A 552 16.38 15.70 0.58
N PRO A 553 15.39 16.33 -0.06
CA PRO A 553 15.68 17.12 -1.26
C PRO A 553 16.42 18.42 -0.97
N TYR A 554 16.22 19.02 0.21
CA TYR A 554 16.84 20.29 0.55
C TYR A 554 17.74 20.10 1.77
N ARG A 555 18.87 20.83 1.77
CA ARG A 555 19.87 20.66 2.82
C ARG A 555 19.33 21.14 4.17
N LEU A 556 19.65 20.38 5.21
CA LEU A 556 19.26 20.71 6.58
C LEU A 556 20.51 20.89 7.43
N PRO A 557 20.86 22.13 7.81
CA PRO A 557 22.10 22.34 8.57
C PRO A 557 22.15 21.62 9.90
N ALA A 558 20.99 21.40 10.54
CA ALA A 558 20.97 20.69 11.81
C ALA A 558 20.96 19.18 11.64
N GLY A 559 20.65 18.69 10.45
CA GLY A 559 20.61 17.26 10.21
C GLY A 559 19.40 16.60 10.87
N ILE A 560 19.38 15.28 10.78
CA ILE A 560 18.32 14.47 11.37
C ILE A 560 18.83 13.89 12.68
N ARG A 561 17.92 13.67 13.64
CA ARG A 561 18.33 13.19 14.94
C ARG A 561 17.39 12.09 15.43
N VAL A 562 17.97 10.96 15.81
CA VAL A 562 17.24 9.83 16.38
C VAL A 562 17.54 9.80 17.88
N GLN A 563 16.49 9.85 18.69
CA GLN A 563 16.61 9.99 20.13
C GLN A 563 15.72 8.95 20.82
N SER A 564 16.13 8.55 22.02
CA SER A 564 15.40 7.59 22.84
C SER A 564 14.92 8.29 24.10
N GLN A 565 13.60 8.36 24.28
CA GLN A 565 12.99 9.02 25.43
C GLN A 565 12.25 8.00 26.27
N ASN A 566 12.57 7.95 27.56
CA ASN A 566 11.95 6.97 28.46
C ASN A 566 11.83 7.59 29.84
N SER A 567 10.67 8.17 30.13
CA SER A 567 10.35 8.73 31.45
C SER A 567 11.40 9.74 31.90
N GLY A 568 11.85 10.56 30.97
CA GLY A 568 12.86 11.56 31.24
C GLY A 568 14.29 11.09 31.08
N ASN A 569 14.52 9.79 30.94
CA ASN A 569 15.85 9.24 30.66
C ASN A 569 16.10 9.34 29.15
N ASN A 570 16.29 10.57 28.69
CA ASN A 570 16.47 10.86 27.28
C ASN A 570 17.93 10.68 26.89
N ARG A 571 18.18 9.80 25.92
CA ARG A 571 19.52 9.53 25.42
C ARG A 571 19.54 9.77 23.91
N MET A 572 20.70 10.19 23.42
CA MET A 572 20.88 10.51 22.01
C MET A 572 21.44 9.29 21.28
N LEU A 573 20.65 8.74 20.35
CA LEU A 573 21.07 7.56 19.60
C LEU A 573 21.83 7.90 18.32
N GLY A 574 21.50 9.02 17.67
CA GLY A 574 22.23 9.37 16.46
C GLY A 574 21.95 10.75 15.92
N SER A 575 22.98 11.38 15.35
CA SER A 575 22.84 12.66 14.66
C SER A 575 23.50 12.55 13.30
N PHE A 576 22.73 12.78 12.24
CA PHE A 576 23.18 12.53 10.88
C PHE A 576 23.15 13.81 10.07
N THR A 577 24.23 14.05 9.33
CA THR A 577 24.33 15.21 8.46
C THR A 577 23.41 15.04 7.25
N ALA A 578 22.54 16.03 7.03
CA ALA A 578 21.54 15.98 5.96
C ALA A 578 22.00 16.85 4.80
N ASN A 579 22.39 16.21 3.70
CA ASN A 579 22.75 16.90 2.47
C ASN A 579 21.66 16.71 1.42
N ALA A 580 21.65 17.59 0.43
CA ALA A 580 20.63 17.56 -0.60
C ALA A 580 20.80 16.31 -1.46
N ASN A 581 19.74 15.49 -1.53
CA ASN A 581 19.77 14.26 -2.29
C ASN A 581 18.36 13.86 -2.69
N PRO A 582 18.05 13.80 -3.99
CA PRO A 582 16.70 13.43 -4.41
C PRO A 582 16.37 11.96 -4.25
N GLU A 583 17.36 11.09 -4.05
CA GLU A 583 17.11 9.67 -3.89
C GLU A 583 16.90 9.33 -2.42
N TRP A 584 16.52 8.07 -2.18
CA TRP A 584 16.30 7.59 -0.83
C TRP A 584 17.61 7.21 -0.17
N VAL A 585 17.76 7.56 1.11
CA VAL A 585 18.99 7.34 1.85
C VAL A 585 18.67 6.59 3.13
N ASP A 586 19.60 5.73 3.54
CA ASP A 586 19.52 4.99 4.79
C ASP A 586 20.60 5.47 5.75
N PHE A 587 20.19 5.84 6.95
CA PHE A 587 21.10 6.26 8.01
C PHE A 587 21.13 5.19 9.11
N VAL A 588 22.33 4.71 9.42
CA VAL A 588 22.51 3.65 10.41
C VAL A 588 23.11 4.27 11.67
N THR A 589 22.52 3.96 12.82
CA THR A 589 23.00 4.46 14.09
C THR A 589 24.08 3.54 14.65
N ASP A 590 24.73 4.00 15.72
CA ASP A 590 25.69 3.17 16.41
C ASP A 590 24.98 2.10 17.23
N ALA A 591 25.75 1.09 17.65
CA ALA A 591 25.18 -0.01 18.41
C ALA A 591 24.78 0.45 19.81
N PHE A 592 23.72 -0.14 20.33
CA PHE A 592 23.22 0.20 21.66
C PHE A 592 22.49 -1.01 22.24
N THR A 593 22.32 -0.98 23.56
CA THR A 593 21.58 -2.00 24.27
C THR A 593 20.43 -1.35 25.03
N PHE A 594 19.39 -2.13 25.29
CA PHE A 594 18.21 -1.61 25.99
C PHE A 594 18.48 -1.30 27.46
N ASN A 595 19.59 -1.78 28.03
CA ASN A 595 19.98 -1.35 29.36
C ASN A 595 20.56 0.06 29.35
N ASP A 596 21.21 0.44 28.25
CA ASP A 596 21.71 1.81 28.11
C ASP A 596 20.58 2.81 27.94
N LEU A 597 19.41 2.36 27.49
CA LEU A 597 18.25 3.23 27.34
C LEU A 597 17.36 3.24 28.58
N GLY A 598 17.64 2.40 29.56
CA GLY A 598 16.83 2.35 30.77
C GLY A 598 15.43 1.83 30.55
N ILE A 599 15.28 0.79 29.73
CA ILE A 599 13.97 0.23 29.39
C ILE A 599 13.93 -1.21 29.87
N THR A 600 12.84 -1.57 30.55
CA THR A 600 12.65 -2.93 31.04
C THR A 600 11.30 -3.49 30.59
N THR A 601 10.92 -4.65 31.12
CA THR A 601 9.66 -5.28 30.75
C THR A 601 8.44 -4.54 31.29
N SER A 602 8.63 -3.58 32.19
CA SER A 602 7.54 -2.82 32.78
C SER A 602 7.40 -1.41 32.22
N SER A 603 8.33 -0.96 31.39
CA SER A 603 8.27 0.38 30.84
C SER A 603 7.11 0.49 29.85
N THR A 604 6.23 1.46 30.07
CA THR A 604 5.06 1.68 29.22
C THR A 604 5.08 3.04 28.53
N ASN A 605 6.15 3.81 28.67
CA ASN A 605 6.27 5.12 28.05
C ASN A 605 7.62 5.27 27.36
N ALA A 606 8.11 4.19 26.76
CA ALA A 606 9.31 4.26 25.93
C ALA A 606 8.96 4.77 24.54
N LEU A 607 9.83 5.61 23.99
CA LEU A 607 9.55 6.27 22.73
C LEU A 607 10.83 6.45 21.93
N PHE A 608 10.73 6.20 20.62
CA PHE A 608 11.78 6.52 19.66
C PHE A 608 11.35 7.74 18.87
N SER A 609 12.19 8.77 18.83
CA SER A 609 11.84 10.06 18.25
C SER A 609 12.80 10.40 17.13
N ILE A 610 12.25 10.64 15.93
CA ILE A 610 13.02 11.17 14.81
C ILE A 610 12.64 12.63 14.66
N SER A 611 13.63 13.51 14.72
CA SER A 611 13.37 14.95 14.81
C SER A 611 14.34 15.73 13.94
N SER A 612 13.87 16.91 13.52
CA SER A 612 14.67 17.86 12.77
C SER A 612 14.15 19.27 13.07
N ASP A 613 14.97 20.26 12.73
CA ASP A 613 14.61 21.66 13.01
C ASP A 613 13.52 22.13 12.05
N SER A 614 13.16 23.39 12.18
CA SER A 614 12.15 23.98 11.32
C SER A 614 12.72 24.21 9.93
N LEU A 615 11.83 24.23 8.93
CA LEU A 615 12.21 24.37 7.54
C LEU A 615 11.99 25.81 7.08
N ASN A 616 12.13 26.02 5.78
CA ASN A 616 11.84 27.30 5.13
C ASN A 616 10.63 27.12 4.22
N SER A 617 10.24 28.21 3.56
CA SER A 617 9.09 28.16 2.67
C SER A 617 9.40 27.29 1.46
N GLY A 618 8.47 26.41 1.10
CA GLY A 618 8.63 25.54 -0.05
C GLY A 618 9.47 24.31 0.17
N GLU A 619 9.99 24.09 1.36
CA GLU A 619 10.84 22.96 1.66
C GLU A 619 10.06 21.85 2.38
N GLU A 620 10.60 20.63 2.29
CA GLU A 620 10.01 19.48 2.96
C GLU A 620 11.06 18.37 2.97
N TRP A 621 10.79 17.34 3.78
CA TRP A 621 11.60 16.14 3.74
C TRP A 621 10.76 14.94 4.14
N TYR A 622 11.11 13.77 3.61
CA TYR A 622 10.25 12.60 3.69
C TYR A 622 10.88 11.53 4.58
N LEU A 623 10.03 10.90 5.39
CA LEU A 623 10.41 9.76 6.23
C LEU A 623 9.57 8.56 5.85
N SER A 624 10.22 7.41 5.67
CA SER A 624 9.54 6.22 5.14
C SER A 624 9.35 5.14 6.19
N GLN A 625 10.43 4.59 6.74
CA GLN A 625 10.30 3.42 7.61
C GLN A 625 11.54 3.30 8.48
N LEU A 626 11.42 2.49 9.52
CA LEU A 626 12.50 2.24 10.48
C LEU A 626 12.81 0.76 10.53
N PHE A 627 14.09 0.43 10.64
CA PHE A 627 14.56 -0.96 10.72
C PHE A 627 15.34 -1.13 12.03
N LEU A 628 14.90 -2.08 12.85
CA LEU A 628 15.57 -2.41 14.10
C LEU A 628 16.06 -3.85 14.01
N VAL A 629 17.38 -4.05 14.08
CA VAL A 629 17.98 -5.36 13.89
C VAL A 629 19.15 -5.52 14.84
N LYS A 630 19.37 -6.75 15.29
CA LYS A 630 20.51 -7.05 16.14
C LYS A 630 21.81 -6.77 15.41
N GLU A 631 22.87 -6.48 16.18
CA GLU A 631 24.15 -6.18 15.57
C GLU A 631 24.77 -7.42 14.93
N SER A 632 24.52 -8.60 15.49
CA SER A 632 25.12 -9.81 14.96
C SER A 632 24.57 -10.16 13.58
N ALA A 633 23.27 -10.01 13.38
CA ALA A 633 22.62 -10.44 12.16
C ALA A 633 22.64 -9.39 11.05
N PHE A 634 23.25 -8.23 11.29
CA PHE A 634 23.29 -7.16 10.30
C PHE A 634 24.71 -6.99 9.76
N THR A 635 24.81 -6.79 8.45
CA THR A 635 26.09 -6.57 7.79
C THR A 635 25.83 -5.99 6.41
N THR A 636 26.45 -4.86 6.10
CA THR A 636 26.36 -4.28 4.77
C THR A 636 27.35 -4.98 3.84
N GLN A 637 26.85 -5.49 2.72
CA GLN A 637 27.66 -6.25 1.78
C GLN A 637 28.06 -5.46 0.55
N ILE A 638 27.15 -4.64 0.01
CA ILE A 638 27.44 -3.80 -1.15
C ILE A 638 27.48 -2.36 -0.68
N ASN A 639 28.61 -1.69 -0.91
CA ASN A 639 28.78 -0.33 -0.43
C ASN A 639 27.97 0.64 -1.28
N PRO A 640 27.16 1.52 -0.67
CA PRO A 640 26.39 2.48 -1.47
C PRO A 640 27.17 3.73 -1.86
N LEU A 641 28.22 4.08 -1.10
CA LEU A 641 28.99 5.28 -1.42
C LEU A 641 29.89 5.09 -2.62
N LEU A 642 30.22 3.85 -2.98
CA LEU A 642 31.07 3.55 -4.13
C LEU A 642 30.19 3.53 -5.38
N LYS A 643 29.88 4.72 -5.86
CA LYS A 643 29.02 4.87 -7.03
C LYS A 643 29.85 5.17 -8.29
#